data_5ETP
#
_entry.id   5ETP
#
_cell.length_a   35.950
_cell.length_b   57.770
_cell.length_c   38.640
_cell.angle_alpha   90.00
_cell.angle_beta   116.11
_cell.angle_gamma   90.00
#
_symmetry.space_group_name_H-M   'P 1 21 1'
#
loop_
_entity.id
_entity.type
_entity.pdbx_description
1 polymer '2-amino-4-hydroxy-6-hydroxymethyldihydropteridine pyrophosphokinase'
2 non-polymer 'DIPHOSPHOMETHYLPHOSPHONIC ACID ADENOSYL ESTER'
3 non-polymer 'CALCIUM ION'
4 non-polymer 'SODIUM ION'
5 non-polymer 2-azanyl-8-[2-(4-bromophenyl)-2-oxidanylidene-ethyl]sulfanyl-1,9-dihydropurin-6-one
6 non-polymer 'CHLORIDE ION'
7 water water
#
_entity_poly.entity_id   1
_entity_poly.type   'polypeptide(L)'
_entity_poly.pdbx_seq_one_letter_code
;GSAMTVAYIAIGSNLASPLEQVNAALKALGDIPESHILTVSSFYRTPPLGPQDQPDYLNAAVALETSLAPEELLNHTQRI
ELQQGRVRKAERWGPRTLDLDIMLFGNEVINTERLTVPHYDMKNRGFMLWPLFEIAPELVFPDGEMLRQILHTRAFDKLN
KW
;
_entity_poly.pdbx_strand_id   A
#
loop_
_chem_comp.id
_chem_comp.type
_chem_comp.name
_chem_comp.formula
5RZ non-polymer 2-azanyl-8-[2-(4-bromophenyl)-2-oxidanylidene-ethyl]sulfanyl-1,9-dihydropurin-6-one 'C13 H10 Br N5 O2 S'
APC non-polymer 'DIPHOSPHOMETHYLPHOSPHONIC ACID ADENOSYL ESTER' 'C11 H18 N5 O12 P3'
CA non-polymer 'CALCIUM ION' 'Ca 2'
CL non-polymer 'CHLORIDE ION' 'Cl -1'
NA non-polymer 'SODIUM ION' 'Na 1'
#
# COMPACT_ATOMS: atom_id res chain seq x y z
N ALA A 3 -19.36 -6.78 10.56
CA ALA A 3 -18.13 -6.39 11.23
C ALA A 3 -17.21 -5.63 10.21
N MET A 4 -16.64 -4.54 10.72
N MET A 4 -16.64 -4.54 10.72
CA MET A 4 -15.73 -3.71 9.91
CA MET A 4 -15.74 -3.70 9.91
C MET A 4 -14.32 -3.99 10.35
C MET A 4 -14.32 -4.01 10.34
N THR A 5 -13.41 -3.99 9.37
CA THR A 5 -12.00 -4.14 9.58
C THR A 5 -11.29 -3.01 8.88
N VAL A 6 -10.20 -2.50 9.47
CA VAL A 6 -9.37 -1.54 8.77
C VAL A 6 -8.28 -2.29 8.01
N ALA A 7 -8.31 -2.14 6.70
CA ALA A 7 -7.27 -2.59 5.79
C ALA A 7 -6.30 -1.42 5.57
N TYR A 8 -5.01 -1.71 5.57
CA TYR A 8 -4.01 -0.71 5.27
C TYR A 8 -3.41 -1.07 3.93
N ILE A 9 -3.54 -0.17 2.97
CA ILE A 9 -3.16 -0.39 1.60
C ILE A 9 -1.99 0.50 1.24
N ALA A 10 -0.93 -0.11 0.72
CA ALA A 10 0.21 0.65 0.18
C ALA A 10 -0.04 0.99 -1.26
N ILE A 11 0.34 2.20 -1.64
CA ILE A 11 0.21 2.67 -3.01
C ILE A 11 1.61 2.97 -3.53
N GLY A 12 1.90 2.53 -4.75
CA GLY A 12 3.10 2.91 -5.45
C GLY A 12 2.79 3.20 -6.89
N SER A 13 3.56 4.14 -7.46
CA SER A 13 3.46 4.45 -8.91
C SER A 13 4.76 5.07 -9.34
N ASN A 14 5.29 4.66 -10.49
CA ASN A 14 6.46 5.37 -11.05
C ASN A 14 6.37 5.55 -12.55
N LEU A 15 5.19 5.41 -13.14
CA LEU A 15 4.98 5.60 -14.58
C LEU A 15 3.76 6.48 -14.81
N ALA A 16 3.79 7.20 -15.94
CA ALA A 16 2.63 7.85 -16.51
C ALA A 16 1.98 8.83 -15.51
N SER A 17 2.85 9.71 -14.99
CA SER A 17 2.46 10.78 -14.08
C SER A 17 1.97 10.25 -12.74
N PRO A 18 2.88 9.79 -11.88
CA PRO A 18 2.48 9.19 -10.60
C PRO A 18 1.53 10.00 -9.77
N LEU A 19 1.65 11.33 -9.71
CA LEU A 19 0.68 12.10 -8.92
C LEU A 19 -0.74 11.91 -9.43
N GLU A 20 -0.88 11.96 -10.78
CA GLU A 20 -2.21 11.72 -11.38
C GLU A 20 -2.68 10.30 -11.08
N GLN A 21 -1.78 9.33 -11.17
CA GLN A 21 -2.17 7.94 -10.94
C GLN A 21 -2.67 7.77 -9.51
N VAL A 22 -1.93 8.33 -8.55
N VAL A 22 -1.93 8.31 -8.54
CA VAL A 22 -2.33 8.15 -7.15
CA VAL A 22 -2.32 8.15 -7.14
C VAL A 22 -3.64 8.86 -6.80
C VAL A 22 -3.64 8.86 -6.80
N ASN A 23 -3.84 10.07 -7.37
CA ASN A 23 -5.12 10.73 -7.15
C ASN A 23 -6.26 9.92 -7.78
N ALA A 24 -6.07 9.41 -8.99
CA ALA A 24 -7.12 8.60 -9.59
C ALA A 24 -7.36 7.35 -8.74
N ALA A 25 -6.32 6.77 -8.17
CA ALA A 25 -6.50 5.59 -7.35
C ALA A 25 -7.30 5.91 -6.09
N LEU A 26 -7.05 7.07 -5.49
CA LEU A 26 -7.83 7.47 -4.31
C LEU A 26 -9.30 7.61 -4.62
N LYS A 27 -9.64 8.19 -5.77
CA LYS A 27 -11.06 8.24 -6.17
CA LYS A 27 -11.02 8.26 -6.16
C LYS A 27 -11.61 6.86 -6.31
N ALA A 28 -10.87 5.98 -6.98
CA ALA A 28 -11.36 4.61 -7.21
C ALA A 28 -11.49 3.84 -5.89
N LEU A 29 -10.53 4.02 -4.96
CA LEU A 29 -10.64 3.38 -3.65
C LEU A 29 -11.91 3.84 -2.95
N GLY A 30 -12.25 5.12 -3.09
CA GLY A 30 -13.48 5.63 -2.48
C GLY A 30 -14.71 4.93 -2.99
N ASP A 31 -14.69 4.53 -4.27
CA ASP A 31 -15.81 3.87 -4.91
C ASP A 31 -15.85 2.37 -4.65
N ILE A 32 -14.91 1.79 -3.92
CA ILE A 32 -15.02 0.39 -3.54
C ILE A 32 -16.21 0.28 -2.61
N PRO A 33 -17.12 -0.69 -2.84
CA PRO A 33 -18.30 -0.83 -1.99
C PRO A 33 -17.93 -1.42 -0.62
N GLU A 34 -18.86 -1.24 0.31
CA GLU A 34 -18.71 -1.77 1.67
C GLU A 34 -17.49 -1.20 2.39
N SER A 35 -17.04 -0.02 1.96
CA SER A 35 -15.70 0.46 2.37
C SER A 35 -15.69 1.96 2.44
N HIS A 36 -14.84 2.49 3.34
CA HIS A 36 -14.67 3.96 3.42
C HIS A 36 -13.18 4.20 3.69
N ILE A 37 -12.61 5.17 2.96
CA ILE A 37 -11.27 5.63 3.26
C ILE A 37 -11.32 6.43 4.59
N LEU A 38 -10.52 6.01 5.57
CA LEU A 38 -10.41 6.76 6.83
C LEU A 38 -9.28 7.76 6.81
N THR A 39 -8.19 7.43 6.13
CA THR A 39 -6.99 8.28 6.26
C THR A 39 -6.16 8.08 5.03
N VAL A 40 -5.53 9.19 4.58
CA VAL A 40 -4.60 9.20 3.47
C VAL A 40 -3.27 9.78 3.98
N SER A 41 -2.15 9.09 3.73
CA SER A 41 -0.88 9.61 4.10
C SER A 41 -0.47 10.78 3.18
N SER A 42 0.65 11.43 3.52
CA SER A 42 1.35 12.24 2.56
C SER A 42 1.83 11.37 1.39
N PHE A 43 2.14 12.05 0.30
CA PHE A 43 2.84 11.38 -0.82
C PHE A 43 4.34 11.55 -0.62
N TYR A 44 5.08 10.49 -0.93
CA TYR A 44 6.52 10.45 -0.74
C TYR A 44 7.20 10.11 -2.04
N ARG A 45 8.34 10.74 -2.30
CA ARG A 45 9.17 10.43 -3.48
C ARG A 45 10.31 9.57 -3.03
N THR A 46 10.36 8.32 -3.48
CA THR A 46 11.26 7.35 -2.89
C THR A 46 12.16 6.72 -3.94
N PRO A 47 13.41 6.46 -3.61
CA PRO A 47 14.33 5.81 -4.56
C PRO A 47 13.94 4.35 -4.71
N PRO A 48 14.13 3.80 -5.91
CA PRO A 48 13.67 2.45 -6.15
C PRO A 48 14.49 1.39 -5.40
N LEU A 49 13.77 0.44 -4.79
CA LEU A 49 14.34 -0.77 -4.26
C LEU A 49 14.22 -1.91 -5.29
N GLY A 50 15.16 -2.83 -5.27
CA GLY A 50 15.20 -3.84 -6.34
C GLY A 50 15.97 -3.31 -7.52
N PRO A 51 15.47 -3.43 -8.74
CA PRO A 51 16.16 -2.77 -9.86
C PRO A 51 16.09 -1.28 -9.71
N GLN A 52 17.21 -0.63 -10.05
CA GLN A 52 17.36 0.81 -9.88
C GLN A 52 17.24 1.60 -11.16
N ASP A 53 17.17 0.91 -12.30
CA ASP A 53 17.11 1.57 -13.62
C ASP A 53 15.66 1.88 -13.95
N GLN A 54 15.02 2.68 -13.10
CA GLN A 54 13.63 3.08 -13.27
C GLN A 54 13.44 4.37 -12.51
N PRO A 55 12.37 5.10 -12.80
CA PRO A 55 12.09 6.36 -12.08
C PRO A 55 11.83 6.14 -10.59
N ASP A 56 12.05 7.21 -9.83
CA ASP A 56 11.62 7.19 -8.44
C ASP A 56 10.11 6.97 -8.34
N TYR A 57 9.72 6.38 -7.21
CA TYR A 57 8.34 6.12 -6.93
C TYR A 57 7.64 7.23 -6.15
N LEU A 58 6.34 7.37 -6.41
CA LEU A 58 5.47 8.05 -5.47
C LEU A 58 4.88 6.86 -4.61
N ASN A 59 5.14 6.91 -3.30
CA ASN A 59 4.57 5.94 -2.35
C ASN A 59 3.67 6.65 -1.35
N ALA A 60 2.65 5.92 -0.91
CA ALA A 60 1.69 6.44 0.06
C ALA A 60 1.04 5.22 0.76
N ALA A 61 0.20 5.52 1.74
CA ALA A 61 -0.60 4.49 2.41
C ALA A 61 -1.98 5.06 2.67
N VAL A 62 -2.98 4.17 2.64
N VAL A 62 -2.97 4.17 2.67
CA VAL A 62 -4.33 4.54 3.01
CA VAL A 62 -4.33 4.54 2.98
C VAL A 62 -4.89 3.53 4.00
C VAL A 62 -4.89 3.53 4.00
N ALA A 63 -5.73 4.02 4.89
CA ALA A 63 -6.55 3.19 5.79
C ALA A 63 -7.96 3.10 5.18
N LEU A 64 -8.41 1.90 4.95
CA LEU A 64 -9.70 1.63 4.30
C LEU A 64 -10.50 0.73 5.24
N GLU A 65 -11.57 1.28 5.85
CA GLU A 65 -12.43 0.45 6.71
C GLU A 65 -13.44 -0.27 5.83
N THR A 66 -13.49 -1.59 5.97
CA THR A 66 -14.34 -2.34 5.09
C THR A 66 -15.02 -3.54 5.73
N SER A 67 -16.18 -3.91 5.17
CA SER A 67 -16.81 -5.16 5.51
C SER A 67 -16.67 -6.20 4.42
N LEU A 68 -15.89 -5.90 3.38
CA LEU A 68 -15.57 -6.92 2.39
C LEU A 68 -14.71 -8.01 2.96
N ALA A 69 -14.86 -9.21 2.39
CA ALA A 69 -13.86 -10.25 2.63
C ALA A 69 -12.53 -9.82 2.03
N PRO A 70 -11.41 -10.27 2.58
CA PRO A 70 -10.11 -9.83 2.05
C PRO A 70 -9.90 -10.06 0.58
N GLU A 71 -10.26 -11.25 0.08
CA GLU A 71 -10.08 -11.54 -1.35
C GLU A 71 -11.03 -10.67 -2.20
N GLU A 72 -12.21 -10.34 -1.67
CA GLU A 72 -13.08 -9.44 -2.39
C GLU A 72 -12.50 -8.06 -2.50
N LEU A 73 -11.80 -7.60 -1.46
CA LEU A 73 -11.05 -6.33 -1.55
C LEU A 73 -9.95 -6.45 -2.60
N LEU A 74 -9.19 -7.55 -2.61
CA LEU A 74 -8.16 -7.74 -3.61
C LEU A 74 -8.73 -7.66 -5.02
N ASN A 75 -9.92 -8.20 -5.25
CA ASN A 75 -10.49 -8.11 -6.58
C ASN A 75 -10.59 -6.66 -7.03
N HIS A 76 -11.07 -5.79 -6.13
CA HIS A 76 -11.18 -4.37 -6.46
C HIS A 76 -9.83 -3.70 -6.67
N THR A 77 -8.84 -4.00 -5.81
CA THR A 77 -7.55 -3.36 -6.02
C THR A 77 -6.89 -3.77 -7.32
N GLN A 78 -7.00 -5.04 -7.67
CA GLN A 78 -6.45 -5.51 -8.95
C GLN A 78 -7.18 -4.85 -10.13
N ARG A 79 -8.50 -4.73 -10.01
CA ARG A 79 -9.26 -4.10 -11.07
C ARG A 79 -8.80 -2.66 -11.27
N ILE A 80 -8.60 -1.93 -10.16
CA ILE A 80 -8.18 -0.54 -10.27
C ILE A 80 -6.80 -0.43 -10.94
N GLU A 81 -5.85 -1.29 -10.54
CA GLU A 81 -4.56 -1.30 -11.20
C GLU A 81 -4.71 -1.50 -12.70
N LEU A 82 -5.47 -2.51 -13.11
CA LEU A 82 -5.65 -2.80 -14.52
C LEU A 82 -6.35 -1.67 -15.25
N GLN A 83 -7.33 -1.05 -14.62
CA GLN A 83 -8.04 0.09 -15.25
C GLN A 83 -7.18 1.33 -15.32
N GLN A 84 -6.08 1.41 -14.56
CA GLN A 84 -5.09 2.46 -14.66
C GLN A 84 -3.88 2.03 -15.47
N GLY A 85 -4.06 1.07 -16.34
CA GLY A 85 -3.05 0.79 -17.35
C GLY A 85 -1.92 -0.08 -16.91
N ARG A 86 -2.00 -0.73 -15.77
CA ARG A 86 -0.90 -1.60 -15.40
C ARG A 86 -0.77 -2.76 -16.41
N VAL A 87 0.48 -2.96 -16.87
CA VAL A 87 0.86 -3.97 -17.87
C VAL A 87 1.92 -4.84 -17.27
N ARG A 88 1.82 -6.14 -17.52
CA ARG A 88 2.78 -7.10 -17.06
C ARG A 88 3.81 -7.33 -18.16
N LYS A 89 5.04 -7.03 -17.86
CA LYS A 89 6.17 -7.31 -18.70
C LYS A 89 7.06 -8.37 -18.06
N ALA A 90 8.12 -8.78 -18.75
CA ALA A 90 9.02 -9.87 -18.33
C ALA A 90 9.82 -9.56 -17.12
N GLU A 91 10.40 -8.37 -17.03
CA GLU A 91 11.40 -8.07 -16.01
C GLU A 91 10.77 -8.12 -14.64
N ARG A 92 11.40 -8.80 -13.72
CA ARG A 92 10.97 -8.79 -12.39
C ARG A 92 10.98 -7.39 -11.80
N TRP A 93 9.94 -7.02 -11.06
CA TRP A 93 9.89 -5.80 -10.30
C TRP A 93 10.09 -4.59 -11.22
N GLY A 94 9.42 -4.60 -12.38
CA GLY A 94 9.48 -3.51 -13.31
C GLY A 94 8.73 -2.26 -12.81
N PRO A 95 8.93 -1.13 -13.50
CA PRO A 95 8.11 0.04 -13.21
C PRO A 95 6.65 -0.23 -13.49
N ARG A 96 5.78 0.57 -12.82
CA ARG A 96 4.34 0.32 -13.03
C ARG A 96 3.57 1.60 -12.84
N THR A 97 2.41 1.69 -13.51
CA THR A 97 1.54 2.81 -13.33
C THR A 97 0.89 2.87 -11.93
N LEU A 98 0.53 1.71 -11.39
CA LEU A 98 -0.12 1.68 -10.12
C LEU A 98 0.07 0.30 -9.52
N ASP A 99 0.42 0.32 -8.20
CA ASP A 99 0.55 -0.90 -7.39
C ASP A 99 -0.21 -0.65 -6.10
N LEU A 100 -1.16 -1.52 -5.83
CA LEU A 100 -1.97 -1.48 -4.61
C LEU A 100 -1.76 -2.78 -3.84
N ASP A 101 -0.95 -2.71 -2.79
CA ASP A 101 -0.65 -3.88 -1.96
C ASP A 101 -1.46 -3.80 -0.68
N ILE A 102 -2.11 -4.91 -0.31
CA ILE A 102 -2.79 -4.99 0.97
C ILE A 102 -1.72 -5.32 1.99
N MET A 103 -1.37 -4.34 2.81
CA MET A 103 -0.33 -4.54 3.83
C MET A 103 -0.85 -5.36 4.99
N LEU A 104 -2.00 -4.91 5.52
CA LEU A 104 -2.62 -5.50 6.70
C LEU A 104 -4.10 -5.48 6.50
N PHE A 105 -4.77 -6.48 7.09
CA PHE A 105 -6.23 -6.57 7.07
C PHE A 105 -6.63 -6.77 8.53
N GLY A 106 -6.78 -5.68 9.27
CA GLY A 106 -6.90 -5.75 10.74
C GLY A 106 -5.75 -6.54 11.30
N ASN A 107 -6.09 -7.47 12.20
CA ASN A 107 -5.16 -8.35 12.82
C ASN A 107 -5.07 -9.73 12.11
N GLU A 108 -5.68 -9.87 10.92
CA GLU A 108 -5.75 -11.15 10.28
C GLU A 108 -4.43 -11.60 9.66
N VAL A 109 -4.24 -12.90 9.66
CA VAL A 109 -3.10 -13.56 8.99
C VAL A 109 -3.71 -14.45 7.92
N ILE A 110 -3.39 -14.13 6.65
CA ILE A 110 -4.04 -14.74 5.50
C ILE A 110 -2.98 -15.35 4.64
N ASN A 111 -3.19 -16.65 4.32
CA ASN A 111 -2.27 -17.39 3.47
C ASN A 111 -3.13 -18.17 2.51
N THR A 112 -3.46 -17.59 1.37
CA THR A 112 -4.28 -18.23 0.35
C THR A 112 -3.57 -18.12 -0.98
N GLU A 113 -4.17 -18.67 -2.04
CA GLU A 113 -3.47 -18.63 -3.31
C GLU A 113 -3.21 -17.20 -3.78
N ARG A 114 -4.17 -16.32 -3.60
CA ARG A 114 -4.07 -14.98 -4.13
C ARG A 114 -3.61 -13.95 -3.11
N LEU A 115 -3.69 -14.26 -1.83
CA LEU A 115 -3.36 -13.26 -0.83
C LEU A 115 -2.47 -13.79 0.28
N THR A 116 -1.41 -13.02 0.56
CA THR A 116 -0.53 -13.24 1.72
C THR A 116 -0.51 -11.93 2.52
N VAL A 117 -1.08 -11.96 3.72
CA VAL A 117 -1.19 -10.81 4.61
C VAL A 117 -0.77 -11.25 5.98
N PRO A 118 0.09 -10.51 6.69
CA PRO A 118 0.68 -9.23 6.30
C PRO A 118 1.53 -9.38 5.05
N HIS A 119 1.67 -8.28 4.31
CA HIS A 119 2.56 -8.28 3.17
C HIS A 119 3.89 -8.80 3.60
N TYR A 120 4.45 -9.72 2.79
CA TYR A 120 5.59 -10.55 3.17
C TYR A 120 6.82 -9.76 3.53
N ASP A 121 7.01 -8.56 3.01
CA ASP A 121 8.27 -7.83 3.18
C ASP A 121 8.08 -6.45 3.75
N MET A 122 6.86 -6.10 4.20
CA MET A 122 6.61 -4.71 4.61
C MET A 122 7.49 -4.27 5.79
N LYS A 123 7.84 -5.20 6.69
CA LYS A 123 8.63 -4.81 7.88
C LYS A 123 10.06 -4.44 7.52
N ASN A 124 10.46 -4.64 6.25
CA ASN A 124 11.79 -4.32 5.76
C ASN A 124 11.80 -3.20 4.75
N ARG A 125 10.72 -2.44 4.63
CA ARG A 125 10.59 -1.41 3.59
C ARG A 125 10.13 -0.10 4.19
N GLY A 126 11.03 0.89 4.24
CA GLY A 126 10.67 2.18 4.74
C GLY A 126 9.56 2.85 3.94
N PHE A 127 9.51 2.57 2.63
CA PHE A 127 8.48 3.22 1.80
C PHE A 127 7.09 2.70 2.10
N MET A 128 7.00 1.58 2.82
CA MET A 128 5.73 1.11 3.33
C MET A 128 5.50 1.56 4.77
N LEU A 129 6.54 1.40 5.65
CA LEU A 129 6.34 1.65 7.08
C LEU A 129 6.20 3.12 7.41
N TRP A 130 6.96 4.03 6.79
CA TRP A 130 6.85 5.42 7.18
C TRP A 130 5.47 6.02 6.86
N PRO A 131 4.91 5.79 5.66
CA PRO A 131 3.56 6.31 5.41
C PRO A 131 2.54 5.66 6.32
N LEU A 132 2.72 4.37 6.63
CA LEU A 132 1.83 3.69 7.54
C LEU A 132 1.89 4.33 8.94
N PHE A 133 3.08 4.66 9.42
CA PHE A 133 3.21 5.29 10.74
C PHE A 133 2.58 6.69 10.77
N GLU A 134 2.61 7.39 9.63
CA GLU A 134 1.99 8.69 9.55
C GLU A 134 0.48 8.59 9.81
N ILE A 135 -0.15 7.55 9.27
CA ILE A 135 -1.62 7.42 9.37
C ILE A 135 -2.05 6.55 10.56
N ALA A 136 -1.16 5.74 11.10
CA ALA A 136 -1.54 4.76 12.15
C ALA A 136 -0.34 4.60 13.08
N PRO A 137 0.01 5.64 13.84
CA PRO A 137 1.20 5.53 14.69
C PRO A 137 1.09 4.49 15.78
N GLU A 138 -0.12 4.15 16.18
CA GLU A 138 -0.34 3.19 17.23
C GLU A 138 -0.41 1.77 16.75
N LEU A 139 -0.14 1.48 15.48
CA LEU A 139 -0.38 0.18 14.93
C LEU A 139 0.45 -0.92 15.59
N VAL A 140 -0.21 -2.06 15.78
CA VAL A 140 0.41 -3.29 16.26
C VAL A 140 0.16 -4.36 15.20
N PHE A 141 1.19 -5.10 14.85
CA PHE A 141 1.10 -6.17 13.88
C PHE A 141 0.42 -7.40 14.50
N PRO A 142 0.02 -8.37 13.65
CA PRO A 142 -0.64 -9.57 14.22
C PRO A 142 0.22 -10.34 15.20
N ASP A 143 1.55 -10.30 15.03
CA ASP A 143 2.46 -10.99 15.94
C ASP A 143 2.81 -10.18 17.16
N GLY A 144 2.11 -9.07 17.40
CA GLY A 144 2.35 -8.24 18.58
C GLY A 144 3.45 -7.23 18.42
N GLU A 145 4.23 -7.27 17.32
CA GLU A 145 5.27 -6.26 17.17
C GLU A 145 4.65 -4.91 16.93
N MET A 146 5.20 -3.88 17.54
CA MET A 146 4.65 -2.52 17.42
C MET A 146 5.35 -1.78 16.29
N LEU A 147 4.56 -1.10 15.45
CA LEU A 147 5.17 -0.27 14.39
C LEU A 147 6.16 0.73 14.95
N ARG A 148 5.81 1.38 16.07
CA ARG A 148 6.70 2.38 16.63
C ARG A 148 8.04 1.74 17.00
N GLN A 149 8.02 0.52 17.51
CA GLN A 149 9.25 -0.15 17.96
C GLN A 149 10.11 -0.52 16.80
N ILE A 150 9.51 -1.02 15.71
CA ILE A 150 10.27 -1.30 14.49
C ILE A 150 10.97 -0.05 13.99
N LEU A 151 10.22 1.04 13.88
CA LEU A 151 10.78 2.27 13.33
C LEU A 151 11.79 2.92 14.28
N HIS A 152 11.70 2.65 15.58
CA HIS A 152 12.72 3.15 16.50
C HIS A 152 14.03 2.36 16.36
N THR A 153 13.93 1.06 16.10
CA THR A 153 15.02 0.16 16.23
C THR A 153 15.75 -0.12 14.92
N ARG A 154 15.00 -0.36 13.84
CA ARG A 154 15.59 -0.74 12.54
C ARG A 154 16.10 0.43 11.80
N ALA A 155 17.18 0.28 11.07
CA ALA A 155 17.75 1.33 10.28
C ALA A 155 16.91 1.45 8.98
N PHE A 156 16.37 2.61 8.78
CA PHE A 156 15.69 2.98 7.56
C PHE A 156 16.06 4.43 7.24
N ASP A 157 16.24 4.70 5.96
CA ASP A 157 16.42 6.14 5.58
C ASP A 157 15.11 6.89 5.81
N LYS A 158 15.27 8.18 6.09
CA LYS A 158 14.19 9.12 6.07
C LYS A 158 13.47 9.08 4.72
N LEU A 159 12.15 9.17 4.76
CA LEU A 159 11.36 9.26 3.57
C LEU A 159 11.00 10.73 3.34
N ASN A 160 11.26 11.22 2.13
CA ASN A 160 11.01 12.59 1.73
C ASN A 160 9.65 12.73 1.08
N LYS A 161 8.91 13.76 1.45
CA LYS A 161 7.64 14.04 0.85
C LYS A 161 7.82 14.44 -0.62
N TRP A 162 6.82 14.13 -1.43
CA TRP A 162 6.78 14.48 -2.83
C TRP A 162 6.82 16.01 -2.99
PG APC B . 6.14 -6.96 -3.97
PG APC B . 6.17 -6.97 -3.97
O1G APC B . 7.59 -7.38 -3.72
O1G APC B . 7.59 -7.44 -3.71
O2G APC B . 5.81 -5.65 -3.32
O2G APC B . 5.78 -5.68 -3.31
O3G APC B . 5.13 -8.05 -3.75
O3G APC B . 5.15 -8.04 -3.74
PB APC B . 4.91 -6.38 -6.53
PB APC B . 4.95 -6.34 -6.53
O1B APC B . 5.41 -5.83 -7.80
O1B APC B . 5.44 -5.59 -7.70
O2B APC B . 3.94 -5.52 -5.73
O2B APC B . 3.93 -5.58 -5.69
O3B APC B . 6.17 -6.63 -5.56
O3B APC B . 6.19 -6.71 -5.58
PA APC B . 2.81 -8.01 -7.99
PA APC B . 2.91 -7.97 -8.01
O1A APC B . 3.32 -8.32 -9.37
O1A APC B . 3.32 -8.34 -9.39
O2A APC B . 2.15 -6.71 -7.86
O2A APC B . 2.10 -6.77 -7.83
C3A APC B . 4.15 -8.02 -6.79
C3A APC B . 4.33 -7.94 -6.93
O5' APC B . 1.58 -8.94 -7.49
O5' APC B . 2.23 -9.26 -7.39
C5' APC B . 1.66 -10.38 -7.67
C5' APC B . 0.86 -9.48 -7.78
C4' APC B . 0.52 -11.02 -6.94
C4' APC B . 0.31 -10.69 -7.07
O4' APC B . 0.55 -10.67 -5.56
O4' APC B . 0.50 -10.57 -5.66
C3' APC B . -0.90 -10.64 -7.30
C3' APC B . -1.17 -10.98 -7.32
O3' APC B . -1.41 -11.22 -8.46
O3' APC B . -1.31 -12.09 -8.14
C2' APC B . -1.72 -11.08 -6.06
C2' APC B . -1.78 -11.20 -5.96
O2' APC B . -2.51 -12.23 -6.21
O2' APC B . -2.60 -12.34 -5.93
C1' APC B . -0.60 -11.34 -5.05
C1' APC B . -0.55 -11.33 -5.06
N9 APC B . -0.74 -10.93 -3.66
N9 APC B . -0.69 -10.90 -3.66
C8 APC B . -0.44 -11.72 -2.59
C8 APC B . -0.35 -11.67 -2.59
N7 APC B . -0.57 -11.06 -1.44
N7 APC B . -0.45 -11.00 -1.43
C5 APC B . -0.91 -9.81 -1.80
C5 APC B . -0.88 -9.78 -1.79
C6 APC B . -1.13 -8.63 -1.03
C6 APC B . -1.13 -8.62 -1.03
N6 APC B . -0.99 -8.62 0.29
N6 APC B . -0.96 -8.62 0.30
N1 APC B . -1.51 -7.51 -1.69
N1 APC B . -1.56 -7.50 -1.68
C2 APC B . -1.64 -7.55 -3.04
C2 APC B . -1.72 -7.55 -3.01
N3 APC B . -1.44 -8.59 -3.84
N3 APC B . -1.48 -8.59 -3.83
C4 APC B . -1.06 -9.71 -3.19
C4 APC B . -1.05 -9.70 -3.19
CA CA C . -16.83 3.08 -0.65
CA CA D . 15.91 -3.08 -15.65
CA CA E . 4.54 -3.86 -4.19
CA CA F . 1.58 -5.58 -5.88
NA NA G . 7.41 -12.04 13.75
NA NA H . -13.95 -4.04 13.71
NA NA I . -19.64 -8.09 3.70
C1 5RZ J . 12.30 -5.32 -4.10
C2 5RZ J . 11.71 -4.08 -2.13
C3 5RZ J . 13.48 -5.70 -3.49
C4 5RZ J . 12.84 -4.49 -1.53
C5 5RZ J . 11.39 -4.47 -3.42
C6 5RZ J . 8.67 -0.22 -5.09
C7 5RZ J . 13.75 -5.34 -2.17
C8 5RZ J . 10.05 -0.12 -5.15
C9 5RZ J . 7.95 0.82 -4.51
C10 5RZ J . 10.11 1.85 -4.12
C11 5RZ J . 9.44 -2.05 -5.95
C12 5RZ J . 9.93 -3.97 -3.85
C13 5RZ J . 9.26 -4.61 -5.02
N14 5RZ J . 10.81 0.88 -4.68
N15 5RZ J . 10.50 -1.28 -5.72
N16 5RZ J . 8.75 1.85 -4.03
N17 5RZ J . 8.27 -1.43 -5.67
N18 5RZ J . 10.74 2.91 -3.61
O19 5RZ J . 9.34 -3.18 -3.10
O20 5RZ J . 6.71 0.89 -4.37
S21 5RZ J . 9.55 -3.65 -6.61
BR1 5RZ J . 15.29 -5.85 -1.26
CL CL K . 2.54 -0.74 -15.76
#